data_3CJF
#
_entry.id   3CJF
#
_cell.length_a   37.435
_cell.length_b   94.742
_cell.length_c   96.797
_cell.angle_alpha   90.00
_cell.angle_beta   90.00
_cell.angle_gamma   90.00
#
_symmetry.space_group_name_H-M   'P 21 21 21'
#
loop_
_entity.id
_entity.type
_entity.pdbx_description
1 polymer 'Vascular endothelial growth factor receptor 2'
2 non-polymer 'SULFATE ION'
3 non-polymer N~4~-(3-methyl-1H-indazol-6-yl)-N~2~-(3,4,5-trimethoxyphenyl)pyrimidine-2,4-diamine
4 water water
#
_entity_poly.entity_id   1
_entity_poly.type   'polypeptide(L)'
_entity_poly.pdbx_seq_one_letter_code
;MDPDELPLDEHCERLPYDASKWEFPRDRLNLGKPLGRGAFGQVIEADAFGIDKTAT(CSO)RTVAVKMLKEGATHSEHRA
LMSELKILIHIGHHLNVVNLLGACTKPGGPLMVIVEFCKFGNLSTYLRSKRNEFVPYKDLYKDFLTLEHLI(CSO)YSFQ
VAKGMEFLASRK(CSO)IHRDLAARNILLSEKNVVKI(CSO)DFGLARDIYKDPDYVRKGDARLPLKWMAPETIFDRVYT
IQSDVWSFGVLLWEIFSLGASPYPGVKIDEEF(CSO)RRLKEGTRMRAPDYTTPEMYQTMLDCWHGEPSQRPTFSELVEH
LGNLLQANA
;
_entity_poly.pdbx_strand_id   A
#
loop_
_chem_comp.id
_chem_comp.type
_chem_comp.name
_chem_comp.formula
SAV non-polymer N~4~-(3-methyl-1H-indazol-6-yl)-N~2~-(3,4,5-trimethoxyphenyl)pyrimidine-2,4-diamine 'C21 H22 N6 O3'
SO4 non-polymer 'SULFATE ION' 'O4 S -2'
#
# COMPACT_ATOMS: atom_id res chain seq x y z
N CYS A 12 -7.57 11.74 17.42
CA CYS A 12 -8.19 11.32 16.12
C CYS A 12 -9.53 10.62 16.31
N GLU A 13 -9.70 9.93 17.45
CA GLU A 13 -11.02 9.48 17.87
C GLU A 13 -11.58 10.73 18.55
N ARG A 14 -12.33 11.49 17.76
N ARG A 14 -12.31 11.50 17.75
CA ARG A 14 -12.56 12.93 17.96
CA ARG A 14 -12.60 12.92 17.97
C ARG A 14 -13.13 13.46 16.64
C ARG A 14 -13.11 13.48 16.63
N LEU A 15 -12.65 12.85 15.55
CA LEU A 15 -13.36 12.84 14.27
C LEU A 15 -14.65 12.05 14.52
N PRO A 16 -15.67 12.27 13.68
CA PRO A 16 -16.98 11.68 13.96
C PRO A 16 -17.10 10.31 13.36
N TYR A 17 -18.08 9.54 13.83
CA TYR A 17 -18.44 8.30 13.18
C TYR A 17 -19.94 8.28 12.85
N ASP A 18 -20.25 8.47 11.58
CA ASP A 18 -21.63 8.44 11.10
C ASP A 18 -22.05 6.99 10.92
N ALA A 19 -22.75 6.46 11.92
CA ALA A 19 -23.22 5.08 11.91
C ALA A 19 -24.23 4.79 10.79
N SER A 20 -25.07 5.76 10.46
CA SER A 20 -26.05 5.61 9.38
C SER A 20 -25.35 5.19 8.10
N LYS A 21 -24.29 5.90 7.75
CA LYS A 21 -23.53 5.61 6.56
C LYS A 21 -22.67 4.32 6.66
N TRP A 22 -22.07 4.03 7.81
CA TRP A 22 -21.00 3.04 7.88
C TRP A 22 -21.34 1.73 8.58
N GLU A 23 -22.27 1.79 9.55
CA GLU A 23 -22.54 0.63 10.41
C GLU A 23 -23.14 -0.57 9.63
N PHE A 24 -22.51 -1.73 9.81
CA PHE A 24 -22.93 -2.98 9.19
C PHE A 24 -23.38 -3.95 10.27
N PRO A 25 -24.49 -4.66 10.05
CA PRO A 25 -24.91 -5.63 11.05
C PRO A 25 -23.97 -6.85 11.14
N ARG A 26 -23.64 -7.23 12.37
CA ARG A 26 -22.80 -8.41 12.62
C ARG A 26 -23.44 -9.71 12.16
N ASP A 27 -24.76 -9.82 12.21
CA ASP A 27 -25.42 -11.03 11.69
C ASP A 27 -25.44 -11.17 10.17
N ARG A 28 -24.85 -10.23 9.46
CA ARG A 28 -24.64 -10.36 8.01
C ARG A 28 -23.15 -10.51 7.66
N LEU A 29 -22.33 -10.74 8.67
CA LEU A 29 -20.95 -11.15 8.48
C LEU A 29 -20.70 -12.61 8.87
N ASN A 30 -20.18 -13.40 7.95
CA ASN A 30 -19.82 -14.80 8.28
C ASN A 30 -18.30 -14.84 8.17
N LEU A 31 -17.63 -15.07 9.31
CA LEU A 31 -16.18 -14.97 9.37
C LEU A 31 -15.55 -16.25 8.83
N GLY A 32 -14.50 -16.10 8.05
CA GLY A 32 -13.81 -17.24 7.42
C GLY A 32 -12.39 -17.39 7.90
N LYS A 33 -11.46 -17.62 6.98
CA LYS A 33 -10.09 -17.92 7.41
C LYS A 33 -9.30 -16.65 7.79
N PRO A 34 -8.45 -16.76 8.82
CA PRO A 34 -7.60 -15.62 9.18
C PRO A 34 -6.54 -15.40 8.11
N LEU A 35 -6.26 -14.14 7.84
CA LEU A 35 -5.25 -13.72 6.88
C LEU A 35 -4.00 -13.31 7.63
N GLY A 36 -4.16 -12.76 8.83
CA GLY A 36 -3.04 -12.35 9.68
C GLY A 36 -3.45 -11.98 11.09
N ARG A 37 -2.46 -12.02 11.98
CA ARG A 37 -2.67 -11.74 13.40
C ARG A 37 -1.45 -11.01 13.94
N GLY A 38 -1.67 -10.21 14.98
CA GLY A 38 -0.59 -9.50 15.65
C GLY A 38 -1.02 -8.95 17.00
N ALA A 39 -0.03 -8.60 17.83
CA ALA A 39 -0.27 -8.09 19.19
C ALA A 39 -1.22 -6.88 19.29
N PHE A 40 -1.70 -6.38 18.15
CA PHE A 40 -2.73 -5.35 18.09
C PHE A 40 -4.09 -5.97 17.75
N GLY A 41 -4.17 -6.64 16.60
CA GLY A 41 -5.45 -7.18 16.13
C GLY A 41 -5.36 -8.49 15.37
N GLN A 42 -6.49 -8.84 14.75
CA GLN A 42 -6.59 -10.02 13.89
C GLN A 42 -7.31 -9.61 12.60
N VAL A 43 -6.72 -9.93 11.45
CA VAL A 43 -7.37 -9.70 10.16
C VAL A 43 -7.89 -11.01 9.59
N ILE A 44 -9.18 -11.05 9.28
CA ILE A 44 -9.83 -12.27 8.79
C ILE A 44 -10.65 -12.04 7.53
N GLU A 45 -10.71 -13.07 6.71
CA GLU A 45 -11.56 -13.11 5.55
C GLU A 45 -12.99 -13.41 6.03
N ALA A 46 -13.99 -12.72 5.47
CA ALA A 46 -15.41 -12.94 5.79
C ALA A 46 -16.28 -12.80 4.53
N ASP A 47 -17.50 -13.32 4.64
CA ASP A 47 -18.55 -13.13 3.65
C ASP A 47 -19.57 -12.18 4.24
N ALA A 48 -19.83 -11.10 3.52
CA ALA A 48 -20.70 -10.04 3.98
C ALA A 48 -21.87 -10.04 3.00
N PHE A 49 -23.08 -10.06 3.50
CA PHE A 49 -24.21 -9.99 2.61
C PHE A 49 -24.71 -8.54 2.61
N GLY A 50 -24.85 -7.96 1.44
CA GLY A 50 -25.52 -6.69 1.35
C GLY A 50 -24.66 -5.51 1.76
N ILE A 51 -23.34 -5.68 1.76
CA ILE A 51 -22.44 -4.61 2.19
C ILE A 51 -22.39 -3.45 1.18
N ASP A 52 -22.66 -3.72 -0.08
CA ASP A 52 -22.75 -2.62 -1.06
C ASP A 52 -24.19 -2.23 -1.37
N LYS A 53 -25.08 -2.56 -0.43
N LYS A 53 -25.12 -2.58 -0.48
CA LYS A 53 -26.55 -2.36 -0.52
CA LYS A 53 -26.54 -2.21 -0.65
C LYS A 53 -27.27 -3.31 -1.47
C LYS A 53 -27.26 -3.06 -1.70
N THR A 54 -26.54 -3.94 -2.40
CA THR A 54 -27.16 -4.89 -3.33
C THR A 54 -27.33 -6.22 -2.60
N ALA A 55 -28.24 -7.08 -3.14
CA ALA A 55 -28.57 -8.41 -2.58
C ALA A 55 -27.53 -9.48 -2.95
N THR A 56 -26.28 -9.18 -2.68
CA THR A 56 -25.17 -10.08 -3.04
C THR A 56 -24.33 -10.42 -1.80
N CSO A 57 -23.65 -11.56 -1.82
N CSO A 57 -23.77 -11.63 -1.83
CA CSO A 57 -22.53 -11.80 -0.89
CA CSO A 57 -22.81 -12.08 -0.85
CB CSO A 57 -22.39 -13.29 -0.53
CB CSO A 57 -22.98 -13.58 -0.54
SG CSO A 57 -23.92 -13.96 0.19
SG CSO A 57 -21.94 -14.00 0.89
C CSO A 57 -21.21 -11.30 -1.46
C CSO A 57 -21.42 -11.84 -1.43
O CSO A 57 -20.90 -11.57 -2.60
O CSO A 57 -21.09 -12.35 -2.50
OD CSO A 57 -23.78 -13.82 1.98
OD CSO A 57 -22.83 -13.44 2.33
N ARG A 58 -20.41 -10.57 -0.67
N ARG A 58 -20.63 -11.05 -0.70
CA ARG A 58 -19.07 -10.22 -1.09
CA ARG A 58 -19.28 -10.61 -1.10
C ARG A 58 -18.08 -10.71 -0.04
C ARG A 58 -18.22 -11.01 -0.04
N THR A 59 -17.01 -11.33 -0.49
CA THR A 59 -15.89 -11.61 0.38
C THR A 59 -15.22 -10.30 0.72
N VAL A 60 -14.94 -10.12 2.01
CA VAL A 60 -14.38 -8.89 2.52
C VAL A 60 -13.26 -9.28 3.48
N ALA A 61 -12.46 -8.29 3.90
CA ALA A 61 -11.42 -8.43 4.90
C ALA A 61 -11.83 -7.67 6.18
N VAL A 62 -11.68 -8.32 7.32
CA VAL A 62 -12.17 -7.76 8.58
C VAL A 62 -11.00 -7.67 9.53
N LYS A 63 -10.84 -6.49 10.11
CA LYS A 63 -9.85 -6.30 11.18
C LYS A 63 -10.68 -6.27 12.45
N MET A 64 -10.40 -7.17 13.39
CA MET A 64 -11.13 -7.18 14.64
C MET A 64 -10.21 -7.21 15.84
N LEU A 65 -10.68 -6.67 16.94
CA LEU A 65 -9.80 -6.50 18.13
C LEU A 65 -9.29 -7.84 18.70
N LYS A 66 -8.75 -7.83 19.92
CA LYS A 66 -8.32 -9.09 20.53
C LYS A 66 -9.33 -9.60 21.56
N GLU A 67 -9.08 -10.81 22.05
CA GLU A 67 -9.95 -11.48 23.01
C GLU A 67 -9.97 -10.66 24.31
N GLY A 68 -10.86 -9.67 24.35
CA GLY A 68 -11.03 -8.83 25.56
C GLY A 68 -11.16 -7.33 25.30
N ALA A 69 -10.17 -6.56 25.78
CA ALA A 69 -10.34 -5.12 25.96
C ALA A 69 -9.32 -4.20 25.25
N THR A 70 -8.17 -4.02 25.90
CA THR A 70 -7.39 -2.75 26.01
C THR A 70 -7.98 -1.47 25.42
N HIS A 71 -8.01 -0.42 26.23
CA HIS A 71 -8.52 0.88 25.77
C HIS A 71 -7.67 1.45 24.66
N SER A 72 -6.36 1.39 24.85
CA SER A 72 -5.40 1.84 23.86
C SER A 72 -5.72 1.17 22.51
N GLU A 73 -5.67 -0.17 22.50
CA GLU A 73 -5.96 -0.97 21.28
C GLU A 73 -7.34 -0.67 20.71
N HIS A 74 -8.30 -0.36 21.58
CA HIS A 74 -9.64 0.01 21.13
C HIS A 74 -9.65 1.37 20.42
N ARG A 75 -8.96 2.34 21.01
CA ARG A 75 -8.87 3.69 20.44
C ARG A 75 -8.10 3.65 19.12
N ALA A 76 -7.01 2.89 19.10
CA ALA A 76 -6.23 2.71 17.88
C ALA A 76 -7.13 2.25 16.72
N LEU A 77 -7.84 1.13 16.89
CA LEU A 77 -8.67 0.61 15.80
C LEU A 77 -9.76 1.60 15.45
N MET A 78 -10.28 2.25 16.48
CA MET A 78 -11.35 3.21 16.28
C MET A 78 -10.82 4.43 15.49
N SER A 79 -9.62 4.89 15.82
CA SER A 79 -8.98 6.00 15.10
C SER A 79 -8.67 5.64 13.65
N GLU A 80 -8.16 4.43 13.46
CA GLU A 80 -7.94 3.88 12.14
C GLU A 80 -9.24 3.87 11.28
N LEU A 81 -10.35 3.44 11.85
CA LEU A 81 -11.67 3.57 11.21
C LEU A 81 -11.98 5.02 10.77
N LYS A 82 -11.81 5.95 11.69
CA LYS A 82 -12.12 7.36 11.43
C LYS A 82 -11.18 7.95 10.39
N ILE A 83 -9.90 7.57 10.42
CA ILE A 83 -8.97 7.99 9.39
C ILE A 83 -9.44 7.49 8.02
N LEU A 84 -9.77 6.20 7.94
CA LEU A 84 -10.21 5.62 6.68
C LEU A 84 -11.44 6.36 6.13
N ILE A 85 -12.37 6.67 7.01
CA ILE A 85 -13.54 7.45 6.62
C ILE A 85 -13.10 8.82 6.11
N HIS A 86 -12.21 9.45 6.85
CA HIS A 86 -11.78 10.81 6.54
C HIS A 86 -11.07 10.89 5.19
N ILE A 87 -10.26 9.88 4.90
CA ILE A 87 -9.49 9.85 3.67
C ILE A 87 -10.39 9.72 2.44
N GLY A 88 -11.40 8.87 2.53
CA GLY A 88 -12.35 8.65 1.43
C GLY A 88 -11.85 7.60 0.45
N HIS A 89 -12.55 7.47 -0.66
CA HIS A 89 -12.41 6.32 -1.55
C HIS A 89 -11.45 6.64 -2.70
N HIS A 90 -10.69 5.66 -3.12
CA HIS A 90 -9.94 5.74 -4.36
C HIS A 90 -9.74 4.30 -4.84
N LEU A 91 -9.75 4.08 -6.15
CA LEU A 91 -9.58 2.76 -6.72
C LEU A 91 -8.28 2.06 -6.27
N ASN A 92 -7.25 2.84 -5.94
CA ASN A 92 -5.92 2.28 -5.73
C ASN A 92 -5.46 2.33 -4.26
N VAL A 93 -6.43 2.37 -3.36
CA VAL A 93 -6.17 2.11 -1.95
C VAL A 93 -7.13 1.06 -1.50
N VAL A 94 -6.82 0.41 -0.39
CA VAL A 94 -7.76 -0.52 0.20
C VAL A 94 -8.90 0.26 0.87
N ASN A 95 -10.10 0.18 0.30
CA ASN A 95 -11.23 0.99 0.75
C ASN A 95 -12.04 0.39 1.91
N LEU A 96 -12.46 1.27 2.81
CA LEU A 96 -13.41 0.99 3.84
C LEU A 96 -14.80 0.67 3.26
N LEU A 97 -15.40 -0.40 3.75
CA LEU A 97 -16.75 -0.81 3.28
C LEU A 97 -17.77 -0.64 4.38
N GLY A 98 -17.34 -0.76 5.63
CA GLY A 98 -18.29 -0.71 6.74
C GLY A 98 -17.62 -0.99 8.08
N ALA A 99 -18.39 -0.96 9.15
CA ALA A 99 -17.86 -1.21 10.49
C ALA A 99 -18.93 -1.77 11.41
N CYS A 100 -18.51 -2.47 12.45
CA CYS A 100 -19.40 -2.96 13.49
C CYS A 100 -18.83 -2.39 14.75
N THR A 101 -19.51 -1.39 15.30
CA THR A 101 -19.01 -0.62 16.44
C THR A 101 -19.97 -0.61 17.62
N LYS A 102 -21.22 -1.02 17.40
CA LYS A 102 -22.21 -0.89 18.44
C LYS A 102 -22.02 -1.97 19.52
N PRO A 103 -22.53 -1.71 20.72
CA PRO A 103 -22.34 -2.67 21.81
C PRO A 103 -22.90 -4.07 21.54
N GLY A 104 -22.36 -5.05 22.25
CA GLY A 104 -22.84 -6.44 22.19
C GLY A 104 -22.12 -7.33 21.21
N GLY A 105 -20.97 -6.87 20.70
CA GLY A 105 -20.12 -7.68 19.82
C GLY A 105 -18.73 -7.05 19.72
N PRO A 106 -17.80 -7.72 19.03
CA PRO A 106 -16.46 -7.17 18.89
C PRO A 106 -16.42 -6.00 17.88
N LEU A 107 -15.49 -5.07 18.09
CA LEU A 107 -15.21 -4.01 17.14
C LEU A 107 -14.60 -4.62 15.91
N MET A 108 -15.21 -4.37 14.75
CA MET A 108 -14.76 -4.92 13.49
C MET A 108 -14.74 -3.83 12.44
N VAL A 109 -13.66 -3.78 11.68
CA VAL A 109 -13.55 -2.83 10.57
C VAL A 109 -13.45 -3.59 9.28
N ILE A 110 -14.32 -3.27 8.35
CA ILE A 110 -14.51 -4.08 7.17
C ILE A 110 -14.03 -3.36 5.90
N VAL A 111 -13.06 -3.96 5.19
CA VAL A 111 -12.48 -3.36 4.00
C VAL A 111 -12.54 -4.29 2.78
N GLU A 112 -12.20 -3.76 1.61
CA GLU A 112 -12.15 -4.58 0.39
C GLU A 112 -11.15 -5.72 0.53
N PHE A 113 -11.50 -6.90 0.03
CA PHE A 113 -10.59 -8.06 0.03
C PHE A 113 -9.86 -8.14 -1.29
N CYS A 114 -8.54 -8.30 -1.22
CA CYS A 114 -7.69 -8.42 -2.40
C CYS A 114 -7.21 -9.85 -2.41
N LYS A 115 -7.81 -10.63 -3.31
CA LYS A 115 -7.69 -12.08 -3.26
C LYS A 115 -6.34 -12.66 -3.65
N PHE A 116 -5.47 -11.90 -4.32
CA PHE A 116 -4.13 -12.39 -4.64
C PHE A 116 -3.08 -11.99 -3.60
N GLY A 117 -3.51 -11.33 -2.52
CA GLY A 117 -2.58 -10.92 -1.46
C GLY A 117 -1.53 -9.92 -1.90
N ASN A 118 -0.39 -9.92 -1.22
CA ASN A 118 0.63 -8.86 -1.36
C ASN A 118 1.47 -8.98 -2.63
N LEU A 119 1.89 -7.83 -3.14
CA LEU A 119 2.51 -7.76 -4.47
C LEU A 119 3.90 -8.42 -4.57
N SER A 120 4.75 -8.24 -3.57
CA SER A 120 6.10 -8.81 -3.59
C SER A 120 6.07 -10.32 -3.63
N THR A 121 5.19 -10.93 -2.84
CA THR A 121 5.04 -12.39 -2.84
C THR A 121 4.52 -12.87 -4.19
N TYR A 122 3.54 -12.13 -4.74
CA TYR A 122 2.97 -12.46 -6.04
C TYR A 122 4.01 -12.42 -7.16
N LEU A 123 4.72 -11.29 -7.26
CA LEU A 123 5.73 -11.13 -8.31
C LEU A 123 6.78 -12.24 -8.27
N ARG A 124 7.28 -12.54 -7.08
CA ARG A 124 8.19 -13.68 -6.89
C ARG A 124 7.66 -14.99 -7.49
N SER A 125 6.36 -15.20 -7.40
CA SER A 125 5.73 -16.42 -7.93
C SER A 125 5.66 -16.44 -9.46
N LYS A 126 5.90 -15.31 -10.11
CA LYS A 126 5.84 -15.22 -11.57
C LYS A 126 7.22 -15.09 -12.23
N ARG A 127 8.28 -15.42 -11.49
CA ARG A 127 9.64 -15.26 -12.01
C ARG A 127 9.98 -16.15 -13.22
N ASN A 128 9.27 -17.27 -13.36
CA ASN A 128 9.44 -18.10 -14.54
C ASN A 128 8.20 -18.03 -15.44
N GLU A 129 7.29 -17.12 -15.11
CA GLU A 129 6.12 -16.83 -15.91
C GLU A 129 6.10 -15.35 -16.30
N PHE A 130 7.24 -14.86 -16.78
CA PHE A 130 7.39 -13.46 -17.19
C PHE A 130 8.01 -13.36 -18.58
N VAL A 131 7.43 -12.50 -19.42
CA VAL A 131 7.98 -12.19 -20.73
C VAL A 131 7.90 -10.68 -20.93
N PRO A 132 9.01 -10.04 -21.36
CA PRO A 132 8.96 -8.59 -21.56
C PRO A 132 7.76 -8.14 -22.41
N TYR A 133 7.58 -8.77 -23.58
CA TYR A 133 6.42 -8.53 -24.44
C TYR A 133 5.97 -9.83 -25.12
N LYS A 134 4.86 -9.73 -25.84
CA LYS A 134 4.43 -10.71 -26.86
C LYS A 134 3.09 -10.29 -27.46
N LYS A 138 -2.64 -17.90 -21.01
CA LYS A 138 -1.21 -17.73 -20.84
C LYS A 138 -0.88 -17.24 -19.42
N ASP A 139 -1.54 -16.16 -18.99
CA ASP A 139 -1.37 -15.63 -17.63
C ASP A 139 0.05 -15.15 -17.30
N PHE A 140 0.86 -14.86 -18.31
CA PHE A 140 2.20 -14.35 -18.09
C PHE A 140 2.18 -12.88 -17.69
N LEU A 141 3.12 -12.50 -16.83
CA LEU A 141 3.37 -11.09 -16.56
C LEU A 141 4.26 -10.56 -17.69
N THR A 142 4.06 -9.29 -18.02
CA THR A 142 4.86 -8.60 -19.03
C THR A 142 5.22 -7.21 -18.53
N LEU A 143 6.03 -6.49 -19.30
CA LEU A 143 6.41 -5.11 -18.95
C LEU A 143 5.17 -4.23 -18.79
N GLU A 144 4.21 -4.38 -19.68
CA GLU A 144 2.93 -3.70 -19.57
C GLU A 144 2.37 -3.81 -18.15
N HIS A 145 2.31 -5.04 -17.61
CA HIS A 145 1.77 -5.30 -16.28
C HIS A 145 2.56 -4.58 -15.19
N LEU A 146 3.88 -4.69 -15.26
CA LEU A 146 4.73 -4.07 -14.24
C LEU A 146 4.60 -2.54 -14.26
N ILE A 147 4.60 -1.96 -15.45
CA ILE A 147 4.43 -0.51 -15.57
C ILE A 147 3.00 -0.11 -15.16
N CSO A 148 2.04 -1.01 -15.41
CA CSO A 148 0.66 -0.75 -15.03
CB CSO A 148 -0.28 -1.78 -15.68
SG CSO A 148 -1.98 -1.59 -15.08
C CSO A 148 0.53 -0.73 -13.52
O CSO A 148 -0.12 0.16 -12.97
OD CSO A 148 -2.59 0.02 -15.55
N TYR A 149 1.17 -1.68 -12.84
CA TYR A 149 1.17 -1.69 -11.38
C TYR A 149 1.81 -0.43 -10.82
N SER A 150 2.94 -0.04 -11.42
CA SER A 150 3.68 1.12 -10.96
C SER A 150 2.83 2.39 -11.08
N PHE A 151 2.20 2.52 -12.25
CA PHE A 151 1.26 3.59 -12.54
C PHE A 151 0.15 3.67 -11.50
N GLN A 152 -0.45 2.51 -11.21
CA GLN A 152 -1.52 2.41 -10.22
C GLN A 152 -1.09 2.86 -8.84
N VAL A 153 0.07 2.39 -8.35
CA VAL A 153 0.56 2.80 -7.04
C VAL A 153 0.79 4.32 -6.97
N ALA A 154 1.36 4.87 -8.04
CA ALA A 154 1.57 6.32 -8.14
C ALA A 154 0.27 7.11 -7.98
N LYS A 155 -0.74 6.69 -8.74
CA LYS A 155 -2.11 7.16 -8.64
C LYS A 155 -2.64 7.07 -7.21
N GLY A 156 -2.42 5.93 -6.57
CA GLY A 156 -2.84 5.76 -5.18
C GLY A 156 -2.15 6.76 -4.27
N MET A 157 -0.85 6.95 -4.46
CA MET A 157 -0.06 7.87 -3.65
C MET A 157 -0.39 9.32 -3.94
N GLU A 158 -0.63 9.63 -5.21
CA GLU A 158 -1.13 10.95 -5.57
C GLU A 158 -2.42 11.22 -4.78
N PHE A 159 -3.29 10.22 -4.67
CA PHE A 159 -4.53 10.38 -3.89
C PHE A 159 -4.23 10.62 -2.40
N LEU A 160 -3.40 9.78 -1.81
CA LEU A 160 -3.07 9.96 -0.39
C LEU A 160 -2.45 11.34 -0.16
N ALA A 161 -1.54 11.74 -1.03
CA ALA A 161 -0.92 13.07 -0.97
C ALA A 161 -1.98 14.15 -0.95
N SER A 162 -2.96 14.07 -1.84
CA SER A 162 -3.99 15.11 -1.92
C SER A 162 -4.81 15.20 -0.62
N ARG A 163 -4.89 14.09 0.11
CA ARG A 163 -5.54 14.09 1.42
C ARG A 163 -4.55 14.40 2.53
N LYS A 164 -3.32 14.80 2.17
CA LYS A 164 -2.29 15.18 3.13
C LYS A 164 -1.85 14.02 4.06
N CSO A 165 -1.76 12.81 3.52
CA CSO A 165 -1.14 11.70 4.27
CB CSO A 165 -1.99 10.42 4.27
SG CSO A 165 -3.75 10.72 4.42
C CSO A 165 0.24 11.36 3.77
O CSO A 165 0.59 11.60 2.63
OD CSO A 165 -4.16 10.79 6.17
N ILE A 166 1.04 10.80 4.67
CA ILE A 166 2.28 10.10 4.32
C ILE A 166 2.07 8.64 4.71
N HIS A 167 2.72 7.75 3.97
CA HIS A 167 2.66 6.34 4.24
C HIS A 167 4.00 5.96 4.86
N ARG A 168 3.98 5.42 6.07
CA ARG A 168 5.21 5.11 6.80
C ARG A 168 6.00 3.91 6.24
N ASP A 169 5.42 3.15 5.33
CA ASP A 169 6.02 1.91 4.86
C ASP A 169 5.52 1.56 3.47
N LEU A 170 5.84 2.44 2.53
CA LEU A 170 5.51 2.23 1.13
C LEU A 170 6.45 1.18 0.53
N ALA A 171 5.94 -0.04 0.40
CA ALA A 171 6.75 -1.19 -0.02
C ALA A 171 5.86 -2.25 -0.70
N ALA A 172 6.44 -3.09 -1.55
CA ALA A 172 5.64 -4.04 -2.32
C ALA A 172 4.80 -4.99 -1.44
N ARG A 173 5.30 -5.31 -0.25
CA ARG A 173 4.56 -6.11 0.72
C ARG A 173 3.25 -5.41 1.16
N ASN A 174 3.23 -4.08 1.08
CA ASN A 174 2.05 -3.31 1.48
C ASN A 174 1.16 -2.92 0.32
N ILE A 175 1.42 -3.49 -0.85
CA ILE A 175 0.59 -3.32 -2.04
C ILE A 175 -0.11 -4.64 -2.29
N LEU A 176 -1.43 -4.63 -2.29
CA LEU A 176 -2.21 -5.85 -2.48
C LEU A 176 -2.75 -5.91 -3.88
N LEU A 177 -3.02 -7.11 -4.37
CA LEU A 177 -3.47 -7.31 -5.74
C LEU A 177 -4.84 -7.95 -5.76
N SER A 178 -5.77 -7.30 -6.43
CA SER A 178 -7.12 -7.82 -6.58
C SER A 178 -7.28 -8.39 -7.99
N GLU A 179 -8.48 -8.83 -8.32
CA GLU A 179 -8.78 -9.26 -9.69
C GLU A 179 -8.57 -8.13 -10.68
N LYS A 180 -8.57 -8.47 -11.97
CA LYS A 180 -8.50 -7.50 -13.06
C LYS A 180 -7.27 -6.62 -12.94
N ASN A 181 -6.16 -7.20 -12.46
CA ASN A 181 -4.90 -6.47 -12.24
C ASN A 181 -4.99 -5.13 -11.50
N VAL A 182 -5.94 -5.02 -10.58
CA VAL A 182 -6.05 -3.79 -9.79
C VAL A 182 -5.16 -3.94 -8.57
N VAL A 183 -4.27 -2.98 -8.36
CA VAL A 183 -3.44 -2.97 -7.18
C VAL A 183 -3.88 -1.84 -6.25
N LYS A 184 -3.77 -2.11 -4.94
CA LYS A 184 -4.26 -1.21 -3.89
C LYS A 184 -3.21 -1.06 -2.79
N ILE A 185 -2.92 0.19 -2.46
CA ILE A 185 -2.08 0.50 -1.33
C ILE A 185 -2.83 0.06 -0.08
N CSO A 186 -2.15 -0.76 0.71
CA CSO A 186 -2.66 -1.25 1.98
CB CSO A 186 -1.96 -2.58 2.32
SG CSO A 186 -2.53 -3.39 3.82
C CSO A 186 -2.32 -0.12 2.94
O CSO A 186 -1.14 0.18 3.18
OD CSO A 186 -1.19 -4.40 4.45
N ASP A 187 -3.36 0.56 3.43
CA ASP A 187 -3.24 1.85 4.13
C ASP A 187 -3.74 1.74 5.58
N LEU A 190 -0.05 2.79 9.16
CA LEU A 190 1.06 3.32 8.37
C LEU A 190 0.74 4.68 7.73
N ALA A 191 -0.54 5.08 7.82
CA ALA A 191 -0.99 6.37 7.28
C ALA A 191 -1.02 7.39 8.40
N ARG A 192 -0.08 8.34 8.36
CA ARG A 192 -0.04 9.43 9.32
C ARG A 192 -0.05 10.76 8.58
N ASP A 193 -0.11 11.87 9.34
CA ASP A 193 -0.10 13.22 8.78
C ASP A 193 1.35 13.66 8.51
N ILE A 194 1.60 14.96 8.30
CA ILE A 194 2.97 15.49 8.02
C ILE A 194 3.95 15.07 9.14
N TYR A 195 4.68 13.98 8.87
CA TYR A 195 5.11 13.08 9.93
C TYR A 195 6.47 13.37 10.55
N LYS A 196 6.61 12.95 11.81
CA LYS A 196 7.85 13.11 12.59
C LYS A 196 8.32 11.74 13.08
N PRO A 209 11.92 -0.52 8.30
CA PRO A 209 11.93 -0.38 6.87
C PRO A 209 13.09 0.51 6.40
N LEU A 210 14.30 0.22 6.91
CA LEU A 210 15.48 1.03 6.62
C LEU A 210 15.84 1.08 5.13
N LYS A 211 15.66 -0.05 4.45
CA LYS A 211 15.97 -0.14 3.03
C LYS A 211 15.02 0.67 2.19
N TRP A 212 13.90 1.08 2.77
CA TRP A 212 12.89 1.88 2.08
C TRP A 212 12.88 3.35 2.48
N MET A 213 13.70 3.74 3.44
CA MET A 213 13.66 5.09 4.01
C MET A 213 14.55 6.11 3.32
N ALA A 214 13.98 7.28 3.07
CA ALA A 214 14.74 8.42 2.54
C ALA A 214 15.84 8.79 3.52
N PRO A 215 16.99 9.28 3.02
CA PRO A 215 18.07 9.61 3.98
C PRO A 215 17.67 10.66 5.02
N GLU A 216 16.90 11.67 4.63
CA GLU A 216 16.41 12.68 5.59
C GLU A 216 15.49 12.09 6.67
N THR A 217 14.93 10.91 6.41
CA THR A 217 14.20 10.20 7.44
C THR A 217 15.14 9.38 8.33
N ILE A 218 16.01 8.57 7.74
CA ILE A 218 17.00 7.82 8.52
C ILE A 218 17.70 8.73 9.53
N PHE A 219 18.15 9.89 9.07
CA PHE A 219 18.96 10.77 9.89
C PHE A 219 18.11 11.67 10.81
N ASP A 220 16.93 12.11 10.33
CA ASP A 220 16.08 13.04 11.10
C ASP A 220 14.78 12.42 11.60
N ARG A 221 14.55 11.15 11.28
CA ARG A 221 13.33 10.42 11.68
C ARG A 221 12.01 11.10 11.27
N VAL A 222 12.11 11.96 10.25
CA VAL A 222 10.99 12.77 9.78
C VAL A 222 10.53 12.27 8.40
N TYR A 223 9.21 12.13 8.25
CA TYR A 223 8.56 11.64 7.02
C TYR A 223 7.78 12.74 6.31
N THR A 224 8.07 12.99 5.03
CA THR A 224 7.18 13.83 4.22
C THR A 224 6.72 13.04 3.01
N ILE A 225 5.87 13.65 2.19
CA ILE A 225 5.42 12.99 0.96
C ILE A 225 6.61 12.74 0.01
N GLN A 226 7.58 13.66 0.00
CA GLN A 226 8.79 13.46 -0.81
C GLN A 226 9.65 12.31 -0.29
N SER A 227 9.62 12.05 1.01
CA SER A 227 10.23 10.83 1.58
C SER A 227 9.56 9.58 1.00
N ASP A 228 8.24 9.62 0.85
CA ASP A 228 7.50 8.54 0.15
C ASP A 228 7.87 8.38 -1.33
N VAL A 229 8.21 9.47 -2.01
CA VAL A 229 8.70 9.36 -3.40
C VAL A 229 9.98 8.51 -3.41
N TRP A 230 10.90 8.74 -2.47
CA TRP A 230 12.06 7.88 -2.33
C TRP A 230 11.64 6.40 -2.20
N SER A 231 10.77 6.13 -1.23
CA SER A 231 10.32 4.73 -0.96
C SER A 231 9.68 4.10 -2.19
N PHE A 232 8.91 4.90 -2.93
CA PHE A 232 8.30 4.48 -4.21
C PHE A 232 9.36 4.03 -5.24
N GLY A 233 10.48 4.72 -5.28
CA GLY A 233 11.61 4.29 -6.13
C GLY A 233 12.10 2.91 -5.72
N VAL A 234 12.17 2.68 -4.41
CA VAL A 234 12.56 1.37 -3.92
C VAL A 234 11.50 0.34 -4.28
N LEU A 235 10.22 0.76 -4.23
CA LEU A 235 9.11 -0.09 -4.62
C LEU A 235 9.18 -0.44 -6.11
N LEU A 236 9.55 0.54 -6.94
CA LEU A 236 9.72 0.28 -8.37
C LEU A 236 10.79 -0.78 -8.60
N TRP A 237 11.89 -0.66 -7.86
CA TRP A 237 12.98 -1.63 -7.92
C TRP A 237 12.48 -3.03 -7.54
N GLU A 238 11.64 -3.09 -6.50
CA GLU A 238 10.97 -4.34 -6.12
C GLU A 238 10.12 -4.91 -7.28
N ILE A 239 9.30 -4.06 -7.92
CA ILE A 239 8.46 -4.53 -9.04
C ILE A 239 9.33 -5.09 -10.18
N PHE A 240 10.37 -4.36 -10.58
CA PHE A 240 11.17 -4.73 -11.74
C PHE A 240 12.33 -5.67 -11.41
N SER A 241 12.43 -6.09 -10.14
CA SER A 241 13.24 -7.27 -9.77
C SER A 241 12.34 -8.50 -9.59
N LEU A 242 11.04 -8.32 -9.84
CA LEU A 242 10.01 -9.32 -9.54
C LEU A 242 10.09 -9.83 -8.09
N GLY A 243 10.03 -8.88 -7.16
CA GLY A 243 9.91 -9.22 -5.74
C GLY A 243 11.19 -9.54 -5.00
N ALA A 244 12.32 -9.11 -5.52
CA ALA A 244 13.59 -9.30 -4.82
C ALA A 244 13.70 -8.31 -3.66
N SER A 245 14.60 -8.65 -2.73
CA SER A 245 14.90 -7.81 -1.57
C SER A 245 15.80 -6.66 -2.03
N PRO A 246 15.52 -5.42 -1.59
CA PRO A 246 16.45 -4.33 -1.92
C PRO A 246 17.87 -4.47 -1.34
N TYR A 247 18.83 -3.77 -1.94
CA TYR A 247 20.24 -3.80 -1.51
C TYR A 247 20.72 -5.23 -1.28
N PRO A 248 20.75 -6.03 -2.36
CA PRO A 248 21.15 -7.44 -2.22
C PRO A 248 22.54 -7.58 -1.62
N GLY A 249 22.67 -8.45 -0.63
CA GLY A 249 23.96 -8.74 -0.01
C GLY A 249 24.67 -7.52 0.58
N VAL A 250 23.90 -6.53 1.01
CA VAL A 250 24.46 -5.34 1.66
C VAL A 250 24.05 -5.33 3.13
N LYS A 251 24.97 -4.97 4.00
CA LYS A 251 24.69 -4.81 5.42
C LYS A 251 24.03 -3.45 5.65
N ILE A 252 22.89 -3.45 6.36
CA ILE A 252 22.24 -2.21 6.76
C ILE A 252 22.90 -1.77 8.08
N ASP A 253 23.94 -0.95 7.96
CA ASP A 253 24.73 -0.49 9.11
C ASP A 253 25.21 0.96 8.90
N GLU A 254 26.18 1.39 9.70
CA GLU A 254 26.68 2.77 9.66
C GLU A 254 27.24 3.11 8.28
N GLU A 255 27.90 2.14 7.64
CA GLU A 255 28.40 2.28 6.26
C GLU A 255 27.29 2.52 5.24
N PHE A 256 26.30 1.63 5.23
CA PHE A 256 25.16 1.73 4.31
C PHE A 256 24.57 3.14 4.31
N CSO A 257 24.35 3.68 5.50
CA CSO A 257 23.86 5.05 5.65
CB CSO A 257 23.42 5.35 7.11
SG CSO A 257 22.22 4.11 7.75
C CSO A 257 24.87 6.09 5.12
O CSO A 257 24.47 7.05 4.45
OD CSO A 257 22.62 3.56 9.40
N ARG A 258 26.16 5.90 5.37
CA ARG A 258 27.19 6.79 4.77
C ARG A 258 27.14 6.69 3.24
N ARG A 259 27.09 5.47 2.71
CA ARG A 259 27.04 5.22 1.27
C ARG A 259 25.84 5.92 0.63
N LEU A 260 24.67 5.81 1.26
CA LEU A 260 23.46 6.42 0.73
C LEU A 260 23.53 7.94 0.72
N LYS A 261 24.12 8.50 1.77
CA LYS A 261 24.30 9.95 1.88
C LYS A 261 25.22 10.47 0.78
N GLU A 262 26.34 9.78 0.55
CA GLU A 262 27.30 10.14 -0.50
C GLU A 262 26.75 9.99 -1.93
N GLY A 263 25.67 9.25 -2.12
CA GLY A 263 25.07 9.11 -3.45
C GLY A 263 25.09 7.73 -4.06
N THR A 264 25.51 6.72 -3.31
CA THR A 264 25.45 5.33 -3.79
C THR A 264 23.99 4.89 -3.94
N ARG A 265 23.69 4.26 -5.07
CA ARG A 265 22.35 3.74 -5.37
C ARG A 265 22.39 2.29 -5.80
N MET A 266 21.24 1.64 -5.74
CA MET A 266 21.08 0.30 -6.29
C MET A 266 21.30 0.31 -7.80
N ARG A 267 21.88 -0.78 -8.30
N ARG A 267 21.93 -0.75 -8.32
CA ARG A 267 22.02 -1.02 -9.73
CA ARG A 267 22.03 -0.97 -9.76
C ARG A 267 20.65 -1.39 -10.31
C ARG A 267 20.67 -1.38 -10.31
N ALA A 268 20.52 -1.38 -11.63
CA ALA A 268 19.26 -1.74 -12.28
C ALA A 268 18.82 -3.18 -11.93
N PRO A 269 17.51 -3.41 -11.68
CA PRO A 269 17.07 -4.77 -11.43
C PRO A 269 16.96 -5.53 -12.76
N ASP A 270 16.83 -6.86 -12.70
CA ASP A 270 16.92 -7.69 -13.90
C ASP A 270 15.90 -7.38 -15.02
N TYR A 271 14.69 -7.00 -14.65
CA TYR A 271 13.60 -6.87 -15.63
C TYR A 271 13.18 -5.43 -15.91
N THR A 272 14.08 -4.48 -15.67
CA THR A 272 13.73 -3.06 -15.83
C THR A 272 13.88 -2.63 -17.27
N THR A 273 13.19 -1.57 -17.65
CA THR A 273 13.57 -0.82 -18.84
C THR A 273 14.57 0.26 -18.40
N PRO A 274 15.31 0.85 -19.37
CA PRO A 274 16.15 2.01 -19.08
C PRO A 274 15.38 3.17 -18.44
N GLU A 275 14.20 3.46 -18.99
CA GLU A 275 13.39 4.58 -18.51
C GLU A 275 12.87 4.35 -17.12
N MET A 276 12.54 3.10 -16.79
CA MET A 276 12.09 2.79 -15.44
C MET A 276 13.23 2.91 -14.43
N TYR A 277 14.45 2.59 -14.85
CA TYR A 277 15.60 2.75 -13.96
C TYR A 277 15.91 4.23 -13.72
N GLN A 278 15.89 5.01 -14.80
CA GLN A 278 15.99 6.46 -14.70
C GLN A 278 14.99 7.04 -13.71
N THR A 279 13.77 6.51 -13.71
CA THR A 279 12.73 6.97 -12.79
C THR A 279 13.07 6.60 -11.36
N MET A 280 13.58 5.40 -11.15
CA MET A 280 14.10 5.02 -9.84
C MET A 280 15.15 6.02 -9.35
N LEU A 281 16.15 6.31 -10.17
CA LEU A 281 17.19 7.28 -9.79
C LEU A 281 16.63 8.68 -9.47
N ASP A 282 15.63 9.09 -10.25
CA ASP A 282 14.93 10.36 -10.02
C ASP A 282 14.31 10.38 -8.61
N CYS A 283 13.56 9.32 -8.30
CA CYS A 283 12.96 9.15 -7.01
C CYS A 283 13.98 9.15 -5.86
N TRP A 284 15.19 8.65 -6.13
CA TRP A 284 16.24 8.62 -5.14
C TRP A 284 17.10 9.87 -5.13
N HIS A 285 16.56 11.00 -5.59
CA HIS A 285 17.30 12.23 -5.51
C HIS A 285 17.65 12.53 -4.03
N GLY A 286 18.89 12.93 -3.80
CA GLY A 286 19.37 13.35 -2.48
C GLY A 286 18.54 14.48 -1.87
N GLU A 287 18.21 15.47 -2.68
N GLU A 287 18.23 15.48 -2.68
CA GLU A 287 17.37 16.59 -2.26
CA GLU A 287 17.37 16.59 -2.28
C GLU A 287 15.91 16.25 -2.48
C GLU A 287 15.90 16.22 -2.49
N PRO A 288 15.09 16.17 -1.41
CA PRO A 288 13.68 15.79 -1.53
C PRO A 288 12.87 16.60 -2.54
N SER A 289 13.14 17.90 -2.61
CA SER A 289 12.44 18.79 -3.53
C SER A 289 12.85 18.59 -5.00
N GLN A 290 13.90 17.82 -5.24
CA GLN A 290 14.34 17.54 -6.60
C GLN A 290 13.79 16.22 -7.11
N ARG A 291 13.20 15.43 -6.21
CA ARG A 291 12.48 14.24 -6.60
C ARG A 291 11.19 14.69 -7.27
N PRO A 292 10.70 13.91 -8.25
CA PRO A 292 9.41 14.26 -8.80
C PRO A 292 8.31 14.10 -7.74
N THR A 293 7.17 14.74 -7.98
CA THR A 293 6.00 14.55 -7.14
C THR A 293 5.22 13.36 -7.70
N PHE A 294 4.24 12.89 -6.94
CA PHE A 294 3.44 11.74 -7.39
C PHE A 294 2.61 12.08 -8.62
N SER A 295 2.07 13.29 -8.66
CA SER A 295 1.40 13.81 -9.87
C SER A 295 2.29 13.69 -11.11
N GLU A 296 3.53 14.19 -11.00
CA GLU A 296 4.51 14.05 -12.07
C GLU A 296 4.78 12.59 -12.41
N LEU A 297 4.85 11.73 -11.40
CA LEU A 297 5.04 10.31 -11.66
C LEU A 297 3.84 9.69 -12.38
N VAL A 298 2.62 10.06 -11.99
CA VAL A 298 1.42 9.57 -12.67
C VAL A 298 1.42 9.92 -14.15
N GLU A 299 1.77 11.16 -14.48
CA GLU A 299 1.93 11.58 -15.86
C GLU A 299 2.98 10.77 -16.61
N HIS A 300 4.16 10.68 -16.00
CA HIS A 300 5.30 10.05 -16.65
C HIS A 300 5.07 8.56 -16.87
N LEU A 301 4.53 7.89 -15.86
CA LEU A 301 4.22 6.46 -15.96
C LEU A 301 3.09 6.19 -16.96
N GLY A 302 2.12 7.10 -17.04
CA GLY A 302 1.04 6.99 -18.02
C GLY A 302 1.53 7.06 -19.46
N ASN A 303 2.62 7.78 -19.69
CA ASN A 303 3.22 7.90 -21.02
C ASN A 303 4.08 6.71 -21.37
N LEU A 304 4.74 6.14 -20.35
CA LEU A 304 5.46 4.89 -20.49
C LEU A 304 4.48 3.75 -20.78
N LEU A 305 3.32 3.76 -20.13
CA LEU A 305 2.27 2.76 -20.43
C LEU A 305 1.81 2.85 -21.88
N GLN A 306 1.62 4.07 -22.37
N GLN A 306 1.62 4.06 -22.39
CA GLN A 306 1.19 4.30 -23.75
CA GLN A 306 1.18 4.23 -23.78
C GLN A 306 2.30 4.01 -24.78
C GLN A 306 2.30 4.01 -24.79
N ALA A 307 3.55 4.24 -24.38
CA ALA A 307 4.72 3.95 -25.23
C ALA A 307 4.95 2.43 -25.34
N ASN A 308 4.70 1.72 -24.25
CA ASN A 308 4.78 0.26 -24.20
C ASN A 308 3.60 -0.33 -24.97
N ALA A 309 2.40 0.06 -24.56
CA ALA A 309 1.16 -0.38 -25.20
C ALA A 309 0.85 0.56 -26.35
S SO4 B . -23.30 -0.56 4.72
O1 SO4 B . -24.37 -1.50 5.08
O2 SO4 B . -23.43 -0.26 3.30
O3 SO4 B . -23.44 0.66 5.53
O4 SO4 B . -21.99 -1.12 5.02
S SO4 C . 16.24 -12.39 -3.20
O1 SO4 C . 15.52 -12.53 -1.93
O2 SO4 C . 15.32 -12.60 -4.33
O3 SO4 C . 16.82 -11.04 -3.28
O4 SO4 C . 17.31 -13.38 -3.26
S SO4 D . 30.38 3.32 -3.52
O1 SO4 D . 29.98 3.98 -2.28
O2 SO4 D . 29.42 3.68 -4.57
O3 SO4 D . 31.72 3.77 -3.89
O4 SO4 D . 30.40 1.87 -3.35
S SO4 E . -12.05 17.20 3.70
O1 SO4 E . -12.86 18.38 3.97
O2 SO4 E . -11.19 17.44 2.55
O3 SO4 E . -11.22 16.90 4.87
O4 SO4 E . -12.92 16.05 3.40
N1 SAV F . -5.90 -9.74 1.08
N3 SAV F . -5.28 -7.08 5.01
C4 SAV F . -4.96 -10.74 1.44
C5 SAV F . -6.21 -8.62 1.86
C6 SAV F . -7.44 -6.74 2.13
C7 SAV F . -6.83 -6.47 3.32
C8 SAV F . -5.89 -7.36 3.77
C10 SAV F . -4.19 -9.13 5.69
C13 SAV F . -0.68 -9.54 6.92
C15 SAV F . -1.92 -7.82 6.23
C17 SAV F . -5.18 -12.02 0.98
C20 SAV F . -3.18 -12.79 2.07
C21 SAV F . -1.69 -14.26 1.21
C1 SAV F . -1.01 -10.41 2.50
O1 SAV F . -1.86 -11.22 3.31
C2 SAV F . -2.96 -11.49 2.52
C3 SAV F . -3.84 -10.48 2.20
N2 SAV F . -7.15 -7.80 1.37
C9 SAV F . -4.15 -7.77 5.49
C11 SAV F . -3.13 -9.87 6.16
C12 SAV F . -1.97 -9.19 6.44
C14 SAV F . -0.18 -10.87 7.29
N4 SAV F . 0.12 -8.47 7.00
N5 SAV F . -0.66 -7.45 6.58
C16 SAV F . -2.98 -7.08 5.77
N6 SAV F . -5.59 -8.43 3.04
C18 SAV F . -4.29 -13.04 1.29
O2 SAV F . -4.54 -14.32 0.84
C19 SAV F . -5.00 -14.23 -0.51
O3 SAV F . -2.27 -13.78 2.43
#